data_6VPM
#
_entry.id   6VPM
#
_cell.length_a   50.730
_cell.length_b   85.769
_cell.length_c   152.492
_cell.angle_alpha   90.00
_cell.angle_beta   90.00
_cell.angle_gamma   90.00
#
_symmetry.space_group_name_H-M   'P 21 21 21'
#
loop_
_entity.id
_entity.type
_entity.pdbx_description
1 polymer 'TPX2 fragment - Aurora A kinase domain fusion'
2 non-polymer 'MAGNESIUM ION'
3 non-polymer 'ADENOSINE MONOPHOSPHATE'
4 non-polymer N~2~-[(2H-1,3-benzodioxol-5-yl)acetyl]-N-[(pyridin-4-yl)methyl]-L-cysteinamide
5 non-polymer 'MALONIC ACID'
6 water water
#
_entity_poly.entity_id   1
_entity_poly.type   'polypeptide(L)'
_entity_poly.pdbx_seq_one_letter_code
;GAHMSYSYDAPSDFINFSSKQKNEESKKRQWALEDFEIGRPLGKGKFGNVYLAREKQSKFILALKVLFKAQLEKAGVEHQ
LRREVEIQSHLRHPNILRLYGYFHDATRVYLILEYAPLGTVYRELQKLSKFDEQRTATYITELANALSYCHSKRVIHRDI
KPENLLLGSAGELKIADFGWSVHAPSSRRT(TPO)LCGTLDYLPPEMIEGRMHDEKVDLWSLGVLCYEFLVGKPPFEANT
YQETYKRISRVEFTFPDFVTEGARDLISRLLKHNPSQRPMLREVLEHPWITANSSK
;
_entity_poly.pdbx_strand_id   A,B
#
# COMPACT_ATOMS: atom_id res chain seq x y z
N MET A 4 15.46 11.24 9.52
CA MET A 4 14.53 10.91 8.42
C MET A 4 15.12 11.19 7.03
N SER A 5 14.97 10.25 6.11
CA SER A 5 15.73 10.30 4.88
C SER A 5 14.93 11.01 3.80
N TYR A 6 15.52 11.99 3.19
CA TYR A 6 14.83 12.63 2.07
C TYR A 6 15.51 12.31 0.74
N SER A 7 16.06 11.11 0.65
CA SER A 7 16.63 10.54 -0.57
C SER A 7 15.58 9.66 -1.22
N TYR A 8 14.92 10.20 -2.26
CA TYR A 8 13.87 9.50 -2.99
C TYR A 8 14.41 8.99 -4.32
N ASP A 9 13.75 7.97 -4.84
CA ASP A 9 14.06 7.50 -6.19
C ASP A 9 13.29 8.34 -7.18
N ALA A 10 13.73 9.59 -7.31
CA ALA A 10 13.13 10.61 -8.10
C ALA A 10 14.20 11.58 -8.51
N PRO A 11 14.01 12.26 -9.62
CA PRO A 11 15.08 13.14 -10.12
C PRO A 11 15.27 14.40 -9.29
N SER A 12 16.54 14.77 -9.12
CA SER A 12 16.89 16.05 -8.55
C SER A 12 17.85 16.82 -9.44
N ASP A 13 18.06 16.37 -10.68
CA ASP A 13 19.02 17.05 -11.53
C ASP A 13 18.41 18.29 -12.18
N PHE A 14 19.23 19.33 -12.31
CA PHE A 14 18.85 20.53 -13.04
C PHE A 14 18.44 20.16 -14.47
N ILE A 15 17.35 20.78 -14.95
CA ILE A 15 16.82 20.58 -16.31
C ILE A 15 16.95 21.87 -17.08
N ASN A 16 17.40 21.77 -18.37
CA ASN A 16 17.37 22.89 -19.32
C ASN A 16 15.98 22.97 -19.95
N PHE A 17 15.13 23.84 -19.43
CA PHE A 17 13.77 23.87 -19.96
C PHE A 17 13.67 24.47 -21.36
N SER A 18 14.73 25.15 -21.82
CA SER A 18 14.78 25.66 -23.18
C SER A 18 14.93 24.55 -24.22
N SER A 19 15.38 23.36 -23.81
CA SER A 19 15.70 22.27 -24.73
C SER A 19 14.75 21.09 -24.62
N LYS A 28 26.47 15.43 -11.69
CA LYS A 28 25.82 16.50 -12.43
C LYS A 28 25.19 17.53 -11.50
N ARG A 29 24.71 18.60 -12.11
CA ARG A 29 24.19 19.72 -11.34
C ARG A 29 22.82 19.38 -10.77
N GLN A 30 22.67 19.51 -9.46
CA GLN A 30 21.40 19.32 -8.76
C GLN A 30 20.68 20.65 -8.57
N TRP A 31 19.38 20.56 -8.34
CA TRP A 31 18.59 21.77 -8.14
C TRP A 31 19.01 22.47 -6.87
N ALA A 32 18.86 23.80 -6.87
CA ALA A 32 18.99 24.57 -5.64
C ALA A 32 17.88 25.61 -5.62
N LEU A 33 17.47 26.05 -4.42
CA LEU A 33 16.45 27.10 -4.36
C LEU A 33 16.84 28.34 -5.17
N GLU A 34 18.12 28.70 -5.18
CA GLU A 34 18.51 29.88 -5.91
C GLU A 34 18.38 29.71 -7.42
N ASP A 35 17.97 28.54 -7.95
CA ASP A 35 17.68 28.44 -9.37
C ASP A 35 16.36 29.10 -9.72
N PHE A 36 15.52 29.44 -8.74
CA PHE A 36 14.15 29.88 -9.02
C PHE A 36 13.88 31.29 -8.53
N GLU A 37 13.18 32.08 -9.36
CA GLU A 37 12.44 33.24 -8.86
C GLU A 37 11.10 32.75 -8.36
N ILE A 38 10.67 33.30 -7.25
CA ILE A 38 9.39 32.98 -6.66
C ILE A 38 8.41 34.10 -6.95
N GLY A 39 7.16 33.72 -7.23
CA GLY A 39 6.05 34.63 -7.48
C GLY A 39 4.94 34.53 -6.45
N ARG A 40 3.70 34.80 -6.86
CA ARG A 40 2.59 34.83 -5.91
C ARG A 40 2.26 33.43 -5.42
N PRO A 41 1.75 33.31 -4.19
CA PRO A 41 1.29 32.01 -3.70
C PRO A 41 0.05 31.61 -4.47
N LEU A 42 0.05 30.36 -4.91
CA LEU A 42 -1.03 29.75 -5.67
C LEU A 42 -2.03 29.05 -4.78
N GLY A 43 -1.65 28.73 -3.56
CA GLY A 43 -2.52 27.95 -2.73
C GLY A 43 -1.83 27.54 -1.45
N LYS A 44 -2.64 27.17 -0.47
CA LYS A 44 -2.17 26.77 0.85
C LYS A 44 -2.52 25.31 1.08
N GLY A 45 -1.62 24.61 1.78
CA GLY A 45 -1.89 23.26 2.23
C GLY A 45 -1.53 23.14 3.70
N LYS A 46 -1.85 21.98 4.27
CA LYS A 46 -1.56 21.81 5.68
C LYS A 46 -0.08 21.64 5.97
N PHE A 47 0.74 21.43 4.94
CA PHE A 47 2.16 21.18 5.14
C PHE A 47 3.04 22.25 4.50
N GLY A 48 2.47 23.21 3.81
CA GLY A 48 3.22 24.34 3.25
C GLY A 48 2.35 25.11 2.26
N ASN A 49 2.97 25.55 1.18
CA ASN A 49 2.28 26.37 0.19
C ASN A 49 2.83 26.04 -1.19
N VAL A 50 2.10 26.45 -2.21
CA VAL A 50 2.50 26.32 -3.61
C VAL A 50 2.66 27.71 -4.18
N TYR A 51 3.77 27.97 -4.86
CA TYR A 51 4.07 29.29 -5.45
C TYR A 51 4.22 29.19 -6.95
N LEU A 52 3.77 30.21 -7.66
CA LEU A 52 4.27 30.39 -9.01
C LEU A 52 5.78 30.61 -8.94
N ALA A 53 6.52 30.06 -9.90
CA ALA A 53 7.94 30.22 -9.88
C ALA A 53 8.46 30.21 -11.29
N ARG A 54 9.75 30.52 -11.41
CA ARG A 54 10.40 30.62 -12.71
C ARG A 54 11.83 30.14 -12.56
N GLU A 55 12.25 29.20 -13.40
CA GLU A 55 13.67 28.84 -13.45
C GLU A 55 14.44 29.93 -14.17
N LYS A 56 15.53 30.38 -13.56
CA LYS A 56 16.17 31.65 -13.91
C LYS A 56 16.87 31.65 -15.27
N GLN A 57 17.58 30.57 -15.61
CA GLN A 57 18.29 30.52 -16.88
C GLN A 57 17.32 30.53 -18.06
N SER A 58 16.30 29.67 -18.01
CA SER A 58 15.36 29.51 -19.11
C SER A 58 14.19 30.48 -19.06
N LYS A 59 13.95 31.10 -17.90
CA LYS A 59 12.75 31.88 -17.60
C LYS A 59 11.45 31.06 -17.72
N PHE A 60 11.54 29.72 -17.62
CA PHE A 60 10.37 28.85 -17.75
C PHE A 60 9.51 28.93 -16.49
N ILE A 61 8.22 29.16 -16.68
CA ILE A 61 7.27 29.26 -15.58
C ILE A 61 6.88 27.86 -15.12
N LEU A 62 6.84 27.68 -13.79
CA LEU A 62 6.47 26.41 -13.17
C LEU A 62 5.82 26.72 -11.81
N ALA A 63 5.48 25.65 -11.09
CA ALA A 63 5.00 25.82 -9.74
C ALA A 63 5.97 25.14 -8.80
N LEU A 64 6.22 25.76 -7.66
CA LEU A 64 7.09 25.20 -6.64
C LEU A 64 6.23 24.92 -5.40
N LYS A 65 6.06 23.64 -5.08
CA LYS A 65 5.33 23.26 -3.87
C LYS A 65 6.36 23.13 -2.74
N VAL A 66 6.13 23.86 -1.64
CA VAL A 66 7.06 23.90 -0.52
C VAL A 66 6.40 23.21 0.67
N LEU A 67 7.04 22.15 1.19
CA LEU A 67 6.50 21.41 2.32
C LEU A 67 7.48 21.49 3.47
N PHE A 68 6.96 21.58 4.69
CA PHE A 68 7.84 21.72 5.83
C PHE A 68 8.13 20.35 6.45
N LYS A 69 9.41 20.00 6.53
CA LYS A 69 9.84 18.71 7.10
C LYS A 69 9.26 18.47 8.49
N ALA A 70 9.30 19.48 9.37
CA ALA A 70 8.80 19.29 10.72
C ALA A 70 7.31 18.94 10.73
N GLN A 71 6.54 19.55 9.82
CA GLN A 71 5.10 19.25 9.76
C GLN A 71 4.86 17.86 9.17
N LEU A 72 5.61 17.49 8.12
CA LEU A 72 5.48 16.16 7.54
C LEU A 72 5.76 15.08 8.57
N GLU A 73 6.85 15.24 9.31
CA GLU A 73 7.30 14.24 10.26
C GLU A 73 6.36 14.16 11.46
N LYS A 74 5.87 15.31 11.95
CA LYS A 74 4.88 15.28 13.03
C LYS A 74 3.62 14.52 12.62
N ALA A 75 3.12 14.75 11.40
CA ALA A 75 1.92 14.10 10.89
C ALA A 75 2.15 12.66 10.46
N GLY A 76 3.40 12.21 10.41
CA GLY A 76 3.68 10.83 10.01
C GLY A 76 3.44 10.54 8.54
N VAL A 77 3.51 11.55 7.66
CA VAL A 77 3.21 11.40 6.24
C VAL A 77 4.44 11.46 5.36
N GLU A 78 5.63 11.38 5.95
CA GLU A 78 6.81 11.57 5.09
C GLU A 78 6.97 10.43 4.07
N HIS A 79 6.62 9.17 4.43
CA HIS A 79 6.75 8.11 3.43
C HIS A 79 5.69 8.21 2.36
N GLN A 80 4.53 8.78 2.72
CA GLN A 80 3.52 9.01 1.70
C GLN A 80 4.00 10.04 0.69
N LEU A 81 4.71 11.09 1.13
CA LEU A 81 5.24 12.07 0.20
C LEU A 81 6.30 11.44 -0.68
N ARG A 82 7.19 10.65 -0.06
CA ARG A 82 8.19 9.94 -0.84
C ARG A 82 7.54 9.13 -1.97
N ARG A 83 6.51 8.33 -1.66
CA ARG A 83 5.83 7.54 -2.70
C ARG A 83 5.18 8.45 -3.75
N GLU A 84 4.54 9.53 -3.34
CA GLU A 84 3.91 10.46 -4.30
C GLU A 84 4.92 11.00 -5.30
N VAL A 85 6.08 11.43 -4.80
CA VAL A 85 7.10 12.03 -5.64
C VAL A 85 7.70 10.96 -6.57
N GLU A 86 8.00 9.79 -6.01
CA GLU A 86 8.54 8.70 -6.82
C GLU A 86 7.57 8.31 -7.92
N ILE A 87 6.29 8.15 -7.61
CA ILE A 87 5.35 7.77 -8.68
C ILE A 87 5.22 8.89 -9.72
N GLN A 88 4.89 10.11 -9.28
CA GLN A 88 4.47 11.13 -10.22
C GLN A 88 5.63 11.56 -11.10
N SER A 89 6.86 11.58 -10.56
CA SER A 89 8.02 12.03 -11.33
C SER A 89 8.40 11.08 -12.45
N HIS A 90 7.86 9.86 -12.46
CA HIS A 90 8.13 8.92 -13.55
C HIS A 90 6.96 8.80 -14.52
N LEU A 91 5.94 9.66 -14.43
CA LEU A 91 4.82 9.63 -15.38
C LEU A 91 5.00 10.80 -16.33
N ARG A 92 4.84 10.58 -17.63
CA ARG A 92 5.00 11.64 -18.63
C ARG A 92 3.84 11.53 -19.62
N HIS A 93 2.81 12.38 -19.44
CA HIS A 93 1.63 12.32 -20.28
C HIS A 93 0.97 13.69 -20.30
N PRO A 94 0.39 14.11 -21.42
CA PRO A 94 -0.07 15.51 -21.50
C PRO A 94 -1.26 15.80 -20.58
N ASN A 95 -1.95 14.78 -20.09
CA ASN A 95 -3.08 14.97 -19.17
C ASN A 95 -2.73 14.55 -17.77
N ILE A 96 -1.44 14.47 -17.46
CA ILE A 96 -0.97 14.22 -16.10
C ILE A 96 -0.03 15.38 -15.74
N LEU A 97 -0.30 16.02 -14.60
CA LEU A 97 0.56 17.15 -14.20
C LEU A 97 2.00 16.66 -14.00
N ARG A 98 2.98 17.28 -14.70
CA ARG A 98 4.37 16.83 -14.60
C ARG A 98 4.97 17.18 -13.25
N LEU A 99 5.73 16.28 -12.73
CA LEU A 99 6.60 16.57 -11.56
C LEU A 99 8.02 16.40 -12.09
N TYR A 100 8.67 17.55 -12.31
CA TYR A 100 9.98 17.58 -12.98
C TYR A 100 11.10 17.11 -12.08
N GLY A 101 10.97 17.29 -10.77
CA GLY A 101 12.00 16.88 -9.85
C GLY A 101 11.71 17.47 -8.49
N TYR A 102 12.60 17.17 -7.57
CA TYR A 102 12.44 17.62 -6.20
C TYR A 102 13.81 17.96 -5.67
N PHE A 103 13.83 18.72 -4.58
CA PHE A 103 15.04 18.93 -3.79
C PHE A 103 14.64 19.24 -2.37
N HIS A 104 15.63 19.36 -1.48
CA HIS A 104 15.26 19.69 -0.11
C HIS A 104 16.43 20.42 0.59
N ASP A 105 16.09 21.13 1.64
CA ASP A 105 17.11 21.83 2.43
C ASP A 105 16.85 21.51 3.90
N ALA A 106 17.43 22.30 4.82
CA ALA A 106 17.40 21.86 6.22
C ALA A 106 15.97 21.76 6.75
N THR A 107 15.06 22.57 6.22
CA THR A 107 13.72 22.59 6.77
C THR A 107 12.60 22.25 5.80
N ARG A 108 12.86 22.20 4.50
CA ARG A 108 11.76 22.16 3.52
C ARG A 108 12.05 21.12 2.47
N VAL A 109 10.97 20.59 1.88
CA VAL A 109 11.03 19.76 0.68
C VAL A 109 10.35 20.57 -0.42
N TYR A 110 10.96 20.59 -1.59
CA TYR A 110 10.47 21.38 -2.72
C TYR A 110 10.11 20.45 -3.87
N LEU A 111 8.87 20.56 -4.37
CA LEU A 111 8.47 19.82 -5.55
C LEU A 111 8.38 20.78 -6.73
N ILE A 112 9.02 20.42 -7.84
CA ILE A 112 9.08 21.29 -9.03
C ILE A 112 8.02 20.80 -10.01
N LEU A 113 6.90 21.51 -10.09
CA LEU A 113 5.69 21.01 -10.78
C LEU A 113 5.39 21.82 -12.04
N GLU A 114 4.75 21.17 -13.01
CA GLU A 114 4.12 21.90 -14.10
C GLU A 114 3.08 22.87 -13.54
N TYR A 115 3.06 24.10 -14.08
CA TYR A 115 2.07 25.09 -13.70
C TYR A 115 0.87 24.92 -14.63
N ALA A 116 -0.30 24.75 -14.04
CA ALA A 116 -1.55 24.66 -14.79
C ALA A 116 -2.28 25.98 -14.68
N PRO A 117 -2.34 26.77 -15.75
CA PRO A 117 -2.74 28.18 -15.61
C PRO A 117 -4.22 28.41 -15.55
N LEU A 118 -5.06 27.44 -15.90
CA LEU A 118 -6.48 27.71 -15.91
C LEU A 118 -7.20 27.17 -14.70
N GLY A 119 -6.47 26.76 -13.66
CA GLY A 119 -7.15 26.47 -12.40
C GLY A 119 -7.69 25.04 -12.33
N THR A 120 -8.59 24.82 -11.38
CA THR A 120 -9.11 23.46 -11.16
C THR A 120 -10.45 23.30 -11.83
N VAL A 121 -10.79 22.04 -12.11
CA VAL A 121 -12.14 21.74 -12.57
C VAL A 121 -13.16 22.04 -11.48
N TYR A 122 -12.77 21.86 -10.22
CA TYR A 122 -13.60 22.25 -9.09
C TYR A 122 -14.07 23.71 -9.21
N ARG A 123 -13.15 24.61 -9.53
CA ARG A 123 -13.51 26.03 -9.62
C ARG A 123 -14.36 26.28 -10.85
N GLU A 124 -14.11 25.49 -11.91
CA GLU A 124 -14.91 25.64 -13.13
C GLU A 124 -16.35 25.23 -12.88
N LEU A 125 -16.55 24.22 -12.03
CA LEU A 125 -17.91 23.82 -11.63
C LEU A 125 -18.58 24.85 -10.75
N GLN A 126 -17.83 25.52 -9.89
CA GLN A 126 -18.45 26.59 -9.11
C GLN A 126 -18.94 27.70 -10.03
N LYS A 127 -18.17 28.00 -11.07
CA LYS A 127 -18.47 29.14 -11.95
C LYS A 127 -19.67 28.85 -12.85
N LEU A 128 -19.74 27.62 -13.40
CA LEU A 128 -20.74 27.27 -14.39
C LEU A 128 -21.88 26.47 -13.81
N SER A 129 -21.72 25.89 -12.63
CA SER A 129 -22.70 25.00 -12.04
C SER A 129 -22.65 23.60 -12.68
N LYS A 130 -22.83 23.48 -13.99
CA LYS A 130 -22.72 22.16 -14.63
C LYS A 130 -22.21 22.38 -16.05
N PHE A 131 -21.75 21.30 -16.68
CA PHE A 131 -21.12 21.33 -17.99
C PHE A 131 -22.02 20.72 -19.05
N ASP A 132 -21.90 21.22 -20.29
CA ASP A 132 -22.66 20.58 -21.35
C ASP A 132 -22.04 19.25 -21.72
N GLU A 133 -22.72 18.52 -22.61
CA GLU A 133 -22.29 17.17 -22.92
C GLU A 133 -20.94 17.15 -23.64
N GLN A 134 -20.66 18.17 -24.45
CA GLN A 134 -19.43 18.17 -25.22
C GLN A 134 -18.25 18.41 -24.32
N ARG A 135 -18.36 19.40 -23.43
CA ARG A 135 -17.29 19.64 -22.48
C ARG A 135 -17.08 18.42 -21.58
N THR A 136 -18.18 17.83 -21.12
CA THR A 136 -18.08 16.65 -20.26
C THR A 136 -17.38 15.50 -20.99
N ALA A 137 -17.85 15.16 -22.20
CA ALA A 137 -17.28 14.01 -22.88
C ALA A 137 -15.82 14.22 -23.22
N THR A 138 -15.44 15.46 -23.56
CA THR A 138 -14.05 15.76 -23.85
C THR A 138 -13.18 15.55 -22.60
N TYR A 139 -13.65 16.04 -21.44
CA TYR A 139 -12.90 15.81 -20.19
C TYR A 139 -12.78 14.32 -19.88
N ILE A 140 -13.86 13.55 -20.10
CA ILE A 140 -13.81 12.11 -19.80
C ILE A 140 -12.84 11.38 -20.72
N THR A 141 -12.78 11.79 -21.99
CA THR A 141 -11.77 11.24 -22.90
C THR A 141 -10.33 11.51 -22.38
N GLU A 142 -10.04 12.77 -21.99
CA GLU A 142 -8.70 13.11 -21.49
C GLU A 142 -8.38 12.30 -20.25
N LEU A 143 -9.34 12.20 -19.34
CA LEU A 143 -9.14 11.45 -18.11
C LEU A 143 -8.90 9.98 -18.42
N ALA A 144 -9.70 9.43 -19.36
CA ALA A 144 -9.52 8.02 -19.69
C ALA A 144 -8.19 7.76 -20.35
N ASN A 145 -7.74 8.68 -21.22
CA ASN A 145 -6.40 8.60 -21.79
C ASN A 145 -5.33 8.62 -20.70
N ALA A 146 -5.42 9.55 -19.75
CA ALA A 146 -4.43 9.60 -18.67
C ALA A 146 -4.43 8.34 -17.84
N LEU A 147 -5.62 7.85 -17.49
CA LEU A 147 -5.69 6.63 -16.70
C LEU A 147 -5.21 5.42 -17.48
N SER A 148 -5.43 5.37 -18.80
CA SER A 148 -4.90 4.25 -19.58
C SER A 148 -3.38 4.24 -19.53
N TYR A 149 -2.77 5.42 -19.67
CA TYR A 149 -1.32 5.51 -19.53
C TYR A 149 -0.89 5.05 -18.13
N CYS A 150 -1.59 5.51 -17.08
CA CYS A 150 -1.21 5.14 -15.71
C CYS A 150 -1.25 3.62 -15.57
N HIS A 151 -2.38 3.04 -15.97
CA HIS A 151 -2.53 1.62 -15.80
C HIS A 151 -1.47 0.86 -16.63
N SER A 152 -1.04 1.41 -17.78
CA SER A 152 0.05 0.81 -18.53
C SER A 152 1.35 0.81 -17.73
N LYS A 153 1.53 1.78 -16.83
CA LYS A 153 2.68 1.84 -15.94
C LYS A 153 2.42 1.15 -14.60
N ARG A 154 1.28 0.48 -14.50
CA ARG A 154 0.84 -0.23 -13.29
C ARG A 154 0.67 0.75 -12.13
N VAL A 155 0.19 1.96 -12.42
CA VAL A 155 -0.10 2.94 -11.40
C VAL A 155 -1.61 3.14 -11.31
N ILE A 156 -2.15 3.10 -10.09
CA ILE A 156 -3.56 3.40 -9.83
C ILE A 156 -3.62 4.70 -9.06
N HIS A 157 -4.50 5.63 -9.47
CA HIS A 157 -4.44 6.96 -8.85
C HIS A 157 -5.15 6.99 -7.50
N ARG A 158 -6.38 6.51 -7.46
CA ARG A 158 -7.23 6.26 -6.27
C ARG A 158 -7.79 7.54 -5.61
N ASP A 159 -7.58 8.73 -6.16
CA ASP A 159 -8.16 9.92 -5.51
C ASP A 159 -8.60 10.93 -6.56
N ILE A 160 -9.18 10.45 -7.66
CA ILE A 160 -9.64 11.34 -8.70
C ILE A 160 -10.92 12.06 -8.25
N LYS A 161 -10.90 13.39 -8.30
CA LYS A 161 -12.03 14.23 -7.92
C LYS A 161 -11.76 15.61 -8.46
N PRO A 162 -12.80 16.49 -8.55
CA PRO A 162 -12.60 17.76 -9.28
C PRO A 162 -11.50 18.63 -8.71
N GLU A 163 -11.28 18.63 -7.40
CA GLU A 163 -10.18 19.44 -6.85
C GLU A 163 -8.82 18.96 -7.33
N ASN A 164 -8.72 17.69 -7.77
CA ASN A 164 -7.43 17.14 -8.21
C ASN A 164 -7.27 17.17 -9.71
N LEU A 165 -8.16 17.91 -10.43
CA LEU A 165 -8.06 18.01 -11.88
C LEU A 165 -7.75 19.45 -12.20
N LEU A 166 -6.56 19.68 -12.71
CA LEU A 166 -6.15 21.04 -13.06
C LEU A 166 -6.32 21.23 -14.56
N LEU A 167 -6.21 22.49 -14.99
CA LEU A 167 -6.48 22.83 -16.40
C LEU A 167 -5.27 23.51 -17.06
N GLY A 168 -4.83 22.94 -18.19
CA GLY A 168 -3.70 23.45 -18.92
C GLY A 168 -4.07 24.67 -19.75
N SER A 169 -3.08 25.16 -20.52
CA SER A 169 -3.29 26.41 -21.26
C SER A 169 -4.37 26.28 -22.31
N ALA A 170 -4.55 25.10 -22.88
CA ALA A 170 -5.63 24.86 -23.84
C ALA A 170 -6.89 24.33 -23.18
N GLY A 171 -7.03 24.42 -21.85
CA GLY A 171 -8.26 23.91 -21.26
C GLY A 171 -8.31 22.39 -21.11
N GLU A 172 -7.19 21.71 -21.31
CA GLU A 172 -7.18 20.26 -21.14
C GLU A 172 -6.90 19.87 -19.69
N LEU A 173 -7.47 18.73 -19.27
CA LEU A 173 -7.31 18.23 -17.91
C LEU A 173 -5.89 17.83 -17.65
N LYS A 174 -5.45 18.08 -16.41
CA LYS A 174 -4.18 17.60 -15.87
C LYS A 174 -4.49 16.89 -14.55
N ILE A 175 -4.33 15.56 -14.48
CA ILE A 175 -4.52 14.87 -13.24
C ILE A 175 -3.38 15.22 -12.28
N ALA A 176 -3.74 15.59 -11.07
CA ALA A 176 -2.76 15.95 -10.05
C ALA A 176 -3.03 15.10 -8.79
N ASP A 177 -2.22 15.30 -7.77
CA ASP A 177 -2.34 14.69 -6.44
C ASP A 177 -2.18 13.18 -6.44
N PHE A 178 -0.94 12.72 -6.49
CA PHE A 178 -0.66 11.30 -6.45
C PHE A 178 -0.37 10.80 -5.04
N GLY A 179 -0.82 11.53 -4.01
CA GLY A 179 -0.61 11.19 -2.62
C GLY A 179 -1.20 9.89 -2.18
N TRP A 180 -2.22 9.37 -2.89
CA TRP A 180 -2.84 8.11 -2.49
C TRP A 180 -2.60 7.02 -3.54
N SER A 181 -1.77 7.31 -4.53
CA SER A 181 -1.51 6.37 -5.61
C SER A 181 -0.65 5.17 -5.18
N VAL A 182 -0.78 4.08 -5.93
CA VAL A 182 -0.02 2.88 -5.63
C VAL A 182 0.46 2.29 -6.95
N HIS A 183 1.66 1.73 -6.92
CA HIS A 183 2.22 1.00 -8.06
C HIS A 183 1.92 -0.46 -7.79
N ALA A 184 1.04 -1.06 -8.59
CA ALA A 184 0.49 -2.39 -8.34
C ALA A 184 0.89 -3.37 -9.43
N PRO A 185 2.14 -3.88 -9.42
CA PRO A 185 2.55 -4.86 -10.45
C PRO A 185 1.90 -6.23 -10.28
N THR A 190 5.22 -14.49 -7.12
CA THR A 190 4.93 -13.90 -5.81
C THR A 190 4.59 -14.99 -4.77
N LEU A 192 3.32 -14.51 -1.97
CA LEU A 192 2.09 -14.16 -1.28
C LEU A 192 0.93 -14.98 -1.83
N CYS A 193 0.76 -14.97 -3.17
CA CYS A 193 -0.38 -15.61 -3.84
C CYS A 193 -0.05 -17.03 -4.28
N GLY A 194 1.21 -17.42 -4.12
CA GLY A 194 1.61 -18.79 -4.38
C GLY A 194 0.70 -19.75 -3.65
N THR A 195 0.35 -19.40 -2.42
CA THR A 195 -0.61 -20.18 -1.65
C THR A 195 -1.76 -19.26 -1.25
N LEU A 196 -3.00 -19.61 -1.67
CA LEU A 196 -4.15 -18.87 -1.17
C LEU A 196 -4.55 -19.32 0.24
N ASP A 197 -4.01 -20.44 0.76
CA ASP A 197 -4.66 -21.10 1.89
C ASP A 197 -4.73 -20.25 3.14
N TYR A 198 -3.80 -19.31 3.34
CA TYR A 198 -3.75 -18.52 4.57
C TYR A 198 -4.24 -17.10 4.38
N LEU A 199 -4.64 -16.75 3.19
CA LEU A 199 -5.05 -15.35 2.92
C LEU A 199 -6.55 -15.16 3.18
N PRO A 200 -6.97 -14.11 3.88
CA PRO A 200 -8.39 -13.82 3.96
C PRO A 200 -8.95 -13.33 2.64
N PRO A 201 -10.26 -13.37 2.50
CA PRO A 201 -10.87 -13.00 1.22
C PRO A 201 -10.44 -11.62 0.73
N GLU A 202 -10.26 -10.64 1.66
CA GLU A 202 -9.93 -9.31 1.21
C GLU A 202 -8.50 -9.23 0.67
N MET A 203 -7.61 -10.13 1.10
CA MET A 203 -6.26 -10.09 0.53
C MET A 203 -6.22 -10.78 -0.81
N ILE A 204 -7.01 -11.85 -0.98
CA ILE A 204 -7.08 -12.51 -2.29
C ILE A 204 -7.65 -11.55 -3.33
N GLU A 205 -8.71 -10.85 -2.96
CA GLU A 205 -9.38 -9.99 -3.93
C GLU A 205 -8.60 -8.71 -4.19
N GLY A 206 -7.96 -8.16 -3.17
CA GLY A 206 -7.12 -6.97 -3.27
C GLY A 206 -7.79 -5.79 -3.96
N ARG A 207 -9.03 -5.48 -3.55
CA ARG A 207 -9.81 -4.54 -4.31
C ARG A 207 -9.22 -3.15 -4.31
N MET A 208 -8.58 -2.73 -3.22
CA MET A 208 -8.07 -1.36 -3.23
C MET A 208 -6.82 -1.25 -4.09
N HIS A 209 -6.28 -2.38 -4.56
CA HIS A 209 -5.13 -2.38 -5.46
C HIS A 209 -5.51 -2.71 -6.87
N ASP A 210 -6.80 -2.64 -7.19
CA ASP A 210 -7.28 -2.99 -8.52
C ASP A 210 -7.37 -1.71 -9.36
N GLU A 211 -6.90 -1.76 -10.61
CA GLU A 211 -7.01 -0.58 -11.45
C GLU A 211 -8.46 -0.13 -11.61
N LYS A 212 -9.40 -1.06 -11.48
CA LYS A 212 -10.81 -0.69 -11.57
C LYS A 212 -11.24 0.37 -10.55
N VAL A 213 -10.46 0.60 -9.49
CA VAL A 213 -10.75 1.68 -8.54
C VAL A 213 -11.06 2.95 -9.31
N ASP A 214 -10.17 3.31 -10.25
CA ASP A 214 -10.30 4.61 -10.91
C ASP A 214 -11.46 4.67 -11.91
N LEU A 215 -11.99 3.52 -12.35
CA LEU A 215 -13.15 3.55 -13.25
C LEU A 215 -14.41 4.02 -12.52
N TRP A 216 -14.58 3.67 -11.25
CA TRP A 216 -15.70 4.20 -10.49
C TRP A 216 -15.63 5.72 -10.43
N SER A 217 -14.45 6.26 -10.14
CA SER A 217 -14.40 7.71 -9.97
C SER A 217 -14.69 8.40 -11.30
N LEU A 218 -14.35 7.77 -12.42
CA LEU A 218 -14.68 8.32 -13.73
C LEU A 218 -16.19 8.44 -13.90
N GLY A 219 -16.93 7.43 -13.43
CA GLY A 219 -18.38 7.50 -13.42
C GLY A 219 -18.94 8.59 -12.54
N VAL A 220 -18.40 8.75 -11.32
CA VAL A 220 -18.86 9.82 -10.45
C VAL A 220 -18.60 11.16 -11.11
N LEU A 221 -17.40 11.36 -11.65
CA LEU A 221 -17.07 12.63 -12.30
C LEU A 221 -17.98 12.91 -13.49
N CYS A 222 -18.25 11.89 -14.33
CA CYS A 222 -19.13 12.13 -15.46
C CYS A 222 -20.48 12.63 -14.98
N TYR A 223 -21.01 12.02 -13.91
CA TYR A 223 -22.27 12.46 -13.35
C TYR A 223 -22.17 13.89 -12.82
N GLU A 224 -21.15 14.17 -12.00
CA GLU A 224 -21.02 15.51 -11.44
C GLU A 224 -20.89 16.57 -12.55
N PHE A 225 -20.13 16.25 -13.59
CA PHE A 225 -19.96 17.21 -14.68
C PHE A 225 -21.29 17.59 -15.31
N LEU A 226 -22.15 16.58 -15.57
CA LEU A 226 -23.44 16.81 -16.24
C LEU A 226 -24.47 17.42 -15.30
N VAL A 227 -24.42 17.08 -14.00
CA VAL A 227 -25.54 17.38 -13.11
C VAL A 227 -25.23 18.55 -12.19
N GLY A 228 -23.95 18.71 -11.80
CA GLY A 228 -23.52 19.76 -10.90
C GLY A 228 -23.44 19.36 -9.45
N LYS A 229 -23.84 18.12 -9.12
CA LYS A 229 -23.78 17.55 -7.78
C LYS A 229 -23.33 16.11 -7.96
N PRO A 230 -22.54 15.57 -7.04
CA PRO A 230 -22.14 14.17 -7.17
C PRO A 230 -23.31 13.26 -6.84
N PRO A 231 -23.32 12.04 -7.37
CA PRO A 231 -24.55 11.21 -7.35
C PRO A 231 -24.93 10.66 -5.97
N PHE A 232 -24.01 10.56 -5.02
CA PHE A 232 -24.29 9.95 -3.73
C PHE A 232 -24.31 11.02 -2.65
N GLU A 233 -24.41 12.29 -3.07
CA GLU A 233 -24.40 13.40 -2.11
C GLU A 233 -25.48 13.20 -1.06
N ALA A 234 -25.11 13.48 0.20
CA ALA A 234 -26.06 13.32 1.29
C ALA A 234 -25.60 14.26 2.40
N ASN A 235 -26.49 14.55 3.37
CA ASN A 235 -26.02 15.56 4.31
C ASN A 235 -25.26 14.98 5.50
N THR A 236 -25.03 13.66 5.55
CA THR A 236 -24.09 13.07 6.50
C THR A 236 -23.19 12.10 5.77
N TYR A 237 -21.99 11.87 6.34
CA TYR A 237 -21.06 10.89 5.78
C TYR A 237 -21.66 9.50 5.82
N GLN A 238 -22.37 9.18 6.91
CA GLN A 238 -22.92 7.83 7.07
C GLN A 238 -23.94 7.52 5.98
N GLU A 239 -24.74 8.51 5.61
CA GLU A 239 -25.71 8.35 4.55
C GLU A 239 -25.04 8.27 3.17
N THR A 240 -24.01 9.09 2.93
CA THR A 240 -23.24 8.96 1.69
C THR A 240 -22.64 7.57 1.57
N TYR A 241 -22.02 7.06 2.66
CA TYR A 241 -21.45 5.71 2.59
C TYR A 241 -22.51 4.66 2.28
N LYS A 242 -23.66 4.75 2.93
CA LYS A 242 -24.75 3.81 2.64
C LYS A 242 -25.19 3.92 1.18
N ARG A 243 -25.25 5.14 0.61
CA ARG A 243 -25.68 5.27 -0.79
C ARG A 243 -24.63 4.71 -1.72
N ILE A 244 -23.33 4.93 -1.41
CA ILE A 244 -22.28 4.35 -2.24
C ILE A 244 -22.31 2.84 -2.14
N SER A 245 -22.36 2.33 -0.92
CA SER A 245 -22.34 0.89 -0.71
C SER A 245 -23.50 0.21 -1.40
N ARG A 246 -24.67 0.86 -1.43
CA ARG A 246 -25.86 0.32 -2.06
C ARG A 246 -26.00 0.70 -3.54
N VAL A 247 -25.04 1.49 -4.06
CA VAL A 247 -25.08 2.09 -5.40
C VAL A 247 -26.44 2.73 -5.66
N GLU A 248 -26.88 3.59 -4.75
CA GLU A 248 -28.17 4.26 -4.87
C GLU A 248 -27.96 5.66 -5.44
N PHE A 249 -28.34 5.84 -6.70
CA PHE A 249 -28.32 7.17 -7.32
C PHE A 249 -29.38 7.19 -8.40
N THR A 250 -29.76 8.40 -8.78
CA THR A 250 -30.76 8.61 -9.83
C THR A 250 -30.33 9.82 -10.64
N PHE A 251 -30.93 9.96 -11.80
CA PHE A 251 -30.60 11.02 -12.74
C PHE A 251 -31.71 12.07 -12.82
N PRO A 252 -31.36 13.35 -12.89
CA PRO A 252 -32.37 14.34 -13.30
C PRO A 252 -32.83 14.07 -14.74
N ASP A 253 -33.97 14.64 -15.11
CA ASP A 253 -34.58 14.19 -16.37
C ASP A 253 -33.78 14.62 -17.59
N PHE A 254 -33.00 15.69 -17.50
CA PHE A 254 -32.28 16.14 -18.69
C PHE A 254 -31.10 15.26 -19.09
N VAL A 255 -30.63 14.36 -18.21
CA VAL A 255 -29.47 13.56 -18.55
C VAL A 255 -29.85 12.56 -19.64
N THR A 256 -29.05 12.52 -20.70
CA THR A 256 -29.49 11.78 -21.86
C THR A 256 -29.21 10.28 -21.71
N GLU A 257 -29.83 9.49 -22.58
CA GLU A 257 -29.73 8.04 -22.54
C GLU A 257 -28.30 7.56 -22.66
N GLY A 258 -27.54 8.17 -23.57
CA GLY A 258 -26.14 7.78 -23.73
C GLY A 258 -25.31 8.02 -22.46
N ALA A 259 -25.46 9.18 -21.85
CA ALA A 259 -24.73 9.46 -20.61
C ALA A 259 -25.17 8.51 -19.48
N ARG A 260 -26.47 8.25 -19.38
CA ARG A 260 -26.97 7.33 -18.37
C ARG A 260 -26.35 5.97 -18.55
N ASP A 261 -26.23 5.52 -19.79
CA ASP A 261 -25.65 4.21 -20.04
C ASP A 261 -24.20 4.16 -19.56
N LEU A 262 -23.41 5.15 -19.94
CA LEU A 262 -22.01 5.17 -19.55
C LEU A 262 -21.87 5.19 -18.03
N ILE A 263 -22.59 6.11 -17.39
CA ILE A 263 -22.44 6.25 -15.93
C ILE A 263 -22.89 4.98 -15.23
N SER A 264 -24.07 4.46 -15.59
CA SER A 264 -24.53 3.21 -15.00
C SER A 264 -23.54 2.06 -15.21
N ARG A 265 -22.83 2.03 -16.34
CA ARG A 265 -21.86 0.95 -16.54
C ARG A 265 -20.66 1.10 -15.64
N LEU A 266 -20.27 2.34 -15.33
CA LEU A 266 -19.09 2.60 -14.51
C LEU A 266 -19.36 2.36 -13.03
N LEU A 267 -20.55 2.69 -12.55
CA LEU A 267 -20.82 2.64 -11.10
C LEU A 267 -21.33 1.25 -10.70
N LYS A 268 -20.40 0.28 -10.72
CA LYS A 268 -20.73 -1.05 -10.25
C LYS A 268 -20.01 -1.32 -8.95
N HIS A 269 -20.72 -1.94 -8.01
CA HIS A 269 -20.13 -2.22 -6.70
C HIS A 269 -18.93 -3.14 -6.82
N ASN A 270 -19.07 -4.20 -7.59
CA ASN A 270 -18.02 -5.18 -7.84
C ASN A 270 -17.05 -4.57 -8.86
N PRO A 271 -15.80 -4.26 -8.49
CA PRO A 271 -14.90 -3.63 -9.44
C PRO A 271 -14.74 -4.43 -10.73
N SER A 272 -14.83 -5.76 -10.64
CA SER A 272 -14.62 -6.53 -11.85
C SER A 272 -15.74 -6.38 -12.85
N GLN A 273 -16.90 -5.88 -12.43
CA GLN A 273 -17.95 -5.61 -13.43
C GLN A 273 -17.78 -4.25 -14.11
N ARG A 274 -16.82 -3.39 -13.69
CA ARG A 274 -16.69 -2.12 -14.36
C ARG A 274 -16.00 -2.30 -15.72
N PRO A 275 -16.27 -1.42 -16.68
CA PRO A 275 -15.69 -1.60 -18.02
C PRO A 275 -14.19 -1.31 -18.06
N MET A 276 -13.58 -1.77 -19.15
CA MET A 276 -12.21 -1.35 -19.42
C MET A 276 -12.22 0.07 -19.95
N LEU A 277 -11.07 0.73 -19.80
CA LEU A 277 -10.96 2.11 -20.28
C LEU A 277 -11.20 2.21 -21.78
N ARG A 278 -10.79 1.19 -22.53
CA ARG A 278 -11.06 1.22 -23.98
C ARG A 278 -12.57 1.32 -24.24
N GLU A 279 -13.39 0.70 -23.37
CA GLU A 279 -14.82 0.75 -23.60
C GLU A 279 -15.38 2.12 -23.29
N VAL A 280 -14.71 2.87 -22.38
CA VAL A 280 -15.14 4.25 -22.14
C VAL A 280 -14.77 5.11 -23.34
N LEU A 281 -13.51 4.99 -23.79
CA LEU A 281 -13.06 5.78 -24.92
C LEU A 281 -13.84 5.52 -26.20
N GLU A 282 -14.35 4.31 -26.40
CA GLU A 282 -15.13 3.97 -27.60
C GLU A 282 -16.65 3.99 -27.37
N HIS A 283 -17.10 4.40 -26.20
CA HIS A 283 -18.52 4.45 -25.92
C HIS A 283 -19.21 5.41 -26.88
N PRO A 284 -20.38 5.03 -27.45
CA PRO A 284 -21.01 5.86 -28.49
C PRO A 284 -21.36 7.26 -28.03
N TRP A 285 -21.68 7.45 -26.76
CA TRP A 285 -21.93 8.80 -26.27
C TRP A 285 -20.64 9.60 -26.23
N ILE A 286 -19.55 8.96 -25.81
CA ILE A 286 -18.25 9.63 -25.81
C ILE A 286 -17.86 10.04 -27.24
N THR A 287 -17.90 9.11 -28.17
CA THR A 287 -17.42 9.48 -29.50
C THR A 287 -18.36 10.47 -30.20
N ALA A 288 -19.65 10.49 -29.86
CA ALA A 288 -20.55 11.47 -30.45
C ALA A 288 -20.32 12.89 -29.93
N ASN A 289 -19.77 13.03 -28.71
CA ASN A 289 -19.74 14.32 -28.05
C ASN A 289 -18.34 14.84 -27.80
N SER A 290 -17.34 13.98 -27.79
CA SER A 290 -15.99 14.38 -27.44
C SER A 290 -15.34 15.07 -28.62
N SER A 291 -14.66 16.18 -28.36
CA SER A 291 -13.89 16.79 -29.44
C SER A 291 -12.56 16.09 -29.65
N LYS A 292 -12.20 15.19 -28.73
CA LYS A 292 -11.01 14.36 -28.81
C LYS A 292 -11.41 12.89 -28.85
N MET B 4 19.18 2.88 -7.94
CA MET B 4 18.17 3.12 -6.91
C MET B 4 18.82 3.58 -5.62
N SER B 5 18.04 4.21 -4.72
CA SER B 5 18.59 4.78 -3.53
C SER B 5 18.47 3.74 -2.44
N TYR B 6 19.58 3.46 -1.78
CA TYR B 6 19.54 2.52 -0.70
C TYR B 6 19.65 3.22 0.64
N SER B 7 19.18 4.47 0.67
CA SER B 7 19.07 5.23 1.92
C SER B 7 17.67 4.99 2.48
N TYR B 8 17.56 4.11 3.46
CA TYR B 8 16.29 3.74 4.07
C TYR B 8 16.13 4.46 5.39
N ASP B 9 14.89 4.58 5.83
CA ASP B 9 14.64 5.05 7.18
C ASP B 9 14.68 3.87 8.14
N ALA B 10 15.91 3.41 8.39
CA ALA B 10 16.19 2.21 9.15
C ALA B 10 17.62 2.34 9.65
N PRO B 11 17.96 1.68 10.74
CA PRO B 11 19.30 1.87 11.34
C PRO B 11 20.39 1.18 10.54
N SER B 12 21.53 1.88 10.46
CA SER B 12 22.76 1.34 9.92
C SER B 12 23.91 1.56 10.88
N ASP B 13 23.62 1.92 12.14
CA ASP B 13 24.67 2.18 13.12
C ASP B 13 25.19 0.89 13.72
N PHE B 14 26.51 0.78 13.81
CA PHE B 14 27.13 -0.34 14.51
C PHE B 14 26.55 -0.49 15.92
N ILE B 15 26.26 -1.72 16.33
CA ILE B 15 25.72 -2.03 17.66
C ILE B 15 26.76 -2.78 18.47
N ASN B 16 26.91 -2.39 19.74
CA ASN B 16 27.75 -3.15 20.67
C ASN B 16 26.86 -4.23 21.26
N PHE B 17 27.03 -5.48 20.83
CA PHE B 17 26.10 -6.52 21.26
C PHE B 17 26.40 -7.01 22.67
N SER B 18 27.55 -6.65 23.23
CA SER B 18 27.93 -7.06 24.58
C SER B 18 27.14 -6.31 25.66
N SER B 19 26.62 -5.12 25.37
CA SER B 19 25.93 -4.31 26.38
C SER B 19 24.60 -3.76 25.87
N LYS B 28 28.36 8.69 14.43
CA LYS B 28 28.23 7.30 14.80
C LYS B 28 28.77 6.30 13.77
N ARG B 29 29.52 5.33 14.27
CA ARG B 29 30.05 4.26 13.44
C ARG B 29 28.92 3.51 12.74
N GLN B 30 29.10 3.26 11.45
CA GLN B 30 28.16 2.50 10.64
C GLN B 30 28.70 1.11 10.39
N TRP B 31 27.78 0.17 10.11
CA TRP B 31 28.16 -1.20 9.82
C TRP B 31 29.04 -1.23 8.58
N ALA B 32 29.95 -2.19 8.57
CA ALA B 32 30.82 -2.49 7.45
C ALA B 32 30.83 -4.00 7.28
N LEU B 33 31.00 -4.46 6.04
CA LEU B 33 31.08 -5.91 5.86
C LEU B 33 32.18 -6.54 6.72
N GLU B 34 33.28 -5.80 6.95
CA GLU B 34 34.38 -6.31 7.71
C GLU B 34 34.04 -6.52 9.18
N ASP B 35 32.85 -6.11 9.63
CA ASP B 35 32.43 -6.36 11.00
C ASP B 35 32.01 -7.81 11.23
N PHE B 36 31.88 -8.61 10.19
CA PHE B 36 31.22 -9.92 10.30
C PHE B 36 32.12 -11.04 9.83
N GLU B 37 32.20 -12.12 10.62
CA GLU B 37 32.80 -13.38 10.17
C GLU B 37 31.67 -14.22 9.59
N ILE B 38 31.74 -14.48 8.31
CA ILE B 38 30.62 -15.10 7.61
C ILE B 38 30.80 -16.61 7.60
N GLY B 39 29.86 -17.32 8.21
CA GLY B 39 29.93 -18.79 8.31
C GLY B 39 29.01 -19.47 7.32
N ARG B 40 28.41 -20.59 7.75
CA ARG B 40 27.70 -21.45 6.81
C ARG B 40 26.41 -20.82 6.29
N PRO B 41 26.03 -21.15 5.04
CA PRO B 41 24.70 -20.78 4.55
C PRO B 41 23.60 -21.42 5.37
N LEU B 42 22.61 -20.60 5.70
CA LEU B 42 21.41 -21.02 6.42
C LEU B 42 20.26 -21.25 5.49
N GLY B 43 20.31 -20.66 4.31
CA GLY B 43 19.23 -20.78 3.38
C GLY B 43 19.55 -19.96 2.17
N LYS B 44 18.84 -20.26 1.09
CA LYS B 44 18.98 -19.56 -0.18
C LYS B 44 17.68 -18.84 -0.43
N GLY B 45 17.76 -17.53 -0.65
CA GLY B 45 16.63 -16.76 -1.10
C GLY B 45 16.66 -16.47 -2.60
N LYS B 46 15.57 -15.87 -3.07
CA LYS B 46 15.48 -15.48 -4.48
C LYS B 46 16.55 -14.47 -4.87
N PHE B 47 16.96 -13.55 -3.97
CA PHE B 47 17.92 -12.50 -4.34
C PHE B 47 19.26 -12.63 -3.63
N GLY B 48 19.47 -13.71 -2.91
CA GLY B 48 20.70 -13.91 -2.18
C GLY B 48 20.46 -14.73 -0.94
N ASN B 49 21.53 -15.15 -0.35
CA ASN B 49 21.40 -16.15 0.69
C ASN B 49 21.46 -15.54 2.06
N VAL B 50 21.19 -16.39 3.03
CA VAL B 50 21.27 -16.05 4.44
C VAL B 50 22.40 -16.90 4.99
N TYR B 51 23.29 -16.28 5.75
CA TYR B 51 24.44 -16.95 6.32
C TYR B 51 24.42 -16.81 7.82
N LEU B 52 24.84 -17.86 8.52
CA LEU B 52 25.20 -17.71 9.91
C LEU B 52 26.45 -16.85 9.99
N ALA B 53 26.48 -15.93 10.93
CA ALA B 53 27.59 -14.99 11.00
C ALA B 53 27.82 -14.59 12.45
N ARG B 54 28.97 -13.99 12.69
CA ARG B 54 29.34 -13.52 14.00
C ARG B 54 29.83 -12.10 13.84
N GLU B 55 29.38 -11.19 14.71
CA GLU B 55 30.02 -9.87 14.72
C GLU B 55 31.34 -10.01 15.46
N LYS B 56 32.41 -9.49 14.85
CA LYS B 56 33.77 -9.84 15.25
C LYS B 56 34.11 -9.34 16.66
N GLN B 57 33.70 -8.13 17.00
CA GLN B 57 34.15 -7.58 18.29
C GLN B 57 33.50 -8.32 19.45
N SER B 58 32.19 -8.54 19.36
CA SER B 58 31.39 -9.11 20.43
C SER B 58 31.25 -10.62 20.35
N LYS B 59 31.63 -11.22 19.22
CA LYS B 59 31.37 -12.62 18.92
C LYS B 59 29.88 -12.97 18.99
N PHE B 60 29.00 -11.98 18.80
CA PHE B 60 27.56 -12.22 18.83
C PHE B 60 27.07 -12.93 17.57
N ILE B 61 26.30 -14.01 17.77
CA ILE B 61 25.85 -14.85 16.66
C ILE B 61 24.54 -14.29 16.07
N LEU B 62 24.51 -14.14 14.77
CA LEU B 62 23.37 -13.55 14.07
C LEU B 62 23.28 -14.14 12.65
N ALA B 63 22.27 -13.70 11.89
CA ALA B 63 22.07 -14.18 10.53
C ALA B 63 22.24 -12.98 9.62
N LEU B 64 23.04 -13.13 8.57
CA LEU B 64 23.28 -12.03 7.66
C LEU B 64 22.66 -12.41 6.32
N LYS B 65 21.69 -11.63 5.89
CA LYS B 65 21.04 -11.87 4.60
C LYS B 65 21.67 -10.96 3.56
N VAL B 66 22.19 -11.55 2.48
CA VAL B 66 22.93 -10.80 1.46
C VAL B 66 22.06 -10.78 0.21
N LEU B 67 21.72 -9.60 -0.29
CA LEU B 67 20.89 -9.46 -1.49
C LEU B 67 21.65 -8.68 -2.55
N PHE B 68 21.51 -9.06 -3.83
CA PHE B 68 22.25 -8.39 -4.90
C PHE B 68 21.41 -7.28 -5.52
N LYS B 69 21.94 -6.07 -5.44
CA LYS B 69 21.22 -4.90 -5.95
C LYS B 69 20.78 -5.09 -7.38
N ALA B 70 21.69 -5.55 -8.25
CA ALA B 70 21.33 -5.77 -9.64
C ALA B 70 20.09 -6.63 -9.77
N GLN B 71 19.99 -7.68 -8.96
CA GLN B 71 18.87 -8.60 -9.03
C GLN B 71 17.60 -7.95 -8.47
N LEU B 72 17.73 -7.23 -7.36
CA LEU B 72 16.55 -6.53 -6.84
C LEU B 72 15.98 -5.51 -7.83
N GLU B 73 16.83 -4.75 -8.49
CA GLU B 73 16.33 -3.75 -9.43
C GLU B 73 15.78 -4.40 -10.69
N LYS B 74 16.47 -5.40 -11.23
CA LYS B 74 15.91 -6.08 -12.40
C LYS B 74 14.51 -6.62 -12.11
N ALA B 75 14.27 -7.10 -10.88
CA ALA B 75 12.97 -7.69 -10.60
C ALA B 75 11.95 -6.62 -10.18
N GLY B 76 12.38 -5.40 -9.95
CA GLY B 76 11.47 -4.34 -9.52
C GLY B 76 10.93 -4.51 -8.11
N VAL B 77 11.70 -5.15 -7.22
CA VAL B 77 11.28 -5.39 -5.84
C VAL B 77 12.06 -4.54 -4.85
N GLU B 78 12.81 -3.55 -5.31
CA GLU B 78 13.65 -2.83 -4.36
C GLU B 78 12.81 -1.96 -3.38
N HIS B 79 11.72 -1.35 -3.83
CA HIS B 79 10.90 -0.60 -2.88
C HIS B 79 10.18 -1.49 -1.89
N GLN B 80 9.91 -2.75 -2.29
CA GLN B 80 9.36 -3.70 -1.34
C GLN B 80 10.38 -4.01 -0.24
N LEU B 81 11.63 -4.24 -0.62
CA LEU B 81 12.70 -4.45 0.35
C LEU B 81 12.83 -3.24 1.27
N ARG B 82 12.82 -2.02 0.68
CA ARG B 82 12.92 -0.82 1.52
C ARG B 82 11.83 -0.80 2.59
N ARG B 83 10.58 -1.08 2.21
CA ARG B 83 9.49 -1.03 3.19
C ARG B 83 9.63 -2.14 4.25
N GLU B 84 10.00 -3.34 3.81
CA GLU B 84 10.21 -4.46 4.74
C GLU B 84 11.24 -4.11 5.79
N VAL B 85 12.35 -3.52 5.35
CA VAL B 85 13.43 -3.18 6.27
C VAL B 85 13.01 -2.05 7.21
N GLU B 86 12.35 -1.02 6.66
CA GLU B 86 11.90 0.09 7.47
C GLU B 86 10.91 -0.37 8.53
N ILE B 87 9.97 -1.24 8.14
CA ILE B 87 9.00 -1.74 9.13
C ILE B 87 9.67 -2.66 10.16
N GLN B 88 10.38 -3.70 9.70
CA GLN B 88 10.82 -4.71 10.66
C GLN B 88 11.84 -4.15 11.61
N SER B 89 12.69 -3.25 11.12
CA SER B 89 13.78 -2.75 11.97
C SER B 89 13.28 -1.86 13.08
N HIS B 90 12.00 -1.49 13.07
CA HIS B 90 11.45 -0.71 14.16
C HIS B 90 10.51 -1.53 15.06
N LEU B 91 10.52 -2.85 14.95
CA LEU B 91 9.70 -3.70 15.81
C LEU B 91 10.64 -4.39 16.76
N ARG B 92 10.31 -4.37 18.05
CA ARG B 92 11.16 -5.02 19.06
C ARG B 92 10.24 -5.81 19.99
N HIS B 93 10.17 -7.12 19.79
CA HIS B 93 9.28 -7.97 20.55
C HIS B 93 9.85 -9.37 20.57
N PRO B 94 9.72 -10.13 21.66
CA PRO B 94 10.40 -11.42 21.70
C PRO B 94 9.83 -12.44 20.72
N ASN B 95 8.63 -12.22 20.20
CA ASN B 95 8.06 -13.14 19.23
C ASN B 95 8.09 -12.57 17.81
N ILE B 96 8.91 -11.55 17.55
CA ILE B 96 9.11 -11.02 16.21
C ILE B 96 10.60 -11.11 15.92
N LEU B 97 10.94 -11.73 14.81
CA LEU B 97 12.37 -11.83 14.47
C LEU B 97 12.99 -10.43 14.38
N ARG B 98 14.08 -10.21 15.11
CA ARG B 98 14.69 -8.87 15.11
C ARG B 98 15.41 -8.60 13.80
N LEU B 99 15.29 -7.36 13.31
CA LEU B 99 16.14 -6.87 12.21
C LEU B 99 16.95 -5.76 12.87
N TYR B 100 18.21 -6.06 13.22
CA TYR B 100 19.02 -5.10 13.97
C TYR B 100 19.42 -3.89 13.14
N GLY B 101 19.66 -4.08 11.85
CA GLY B 101 20.10 -2.97 11.02
C GLY B 101 20.29 -3.48 9.60
N TYR B 102 20.75 -2.58 8.75
CA TYR B 102 21.12 -2.93 7.40
C TYR B 102 22.29 -2.07 6.98
N PHE B 103 22.94 -2.50 5.93
CA PHE B 103 23.95 -1.65 5.31
C PHE B 103 24.04 -2.10 3.85
N HIS B 104 24.86 -1.41 3.07
CA HIS B 104 24.97 -1.80 1.67
C HIS B 104 26.30 -1.35 1.11
N ASP B 105 26.73 -2.07 0.09
CA ASP B 105 27.93 -1.63 -0.61
C ASP B 105 27.65 -1.52 -2.11
N ALA B 106 28.71 -1.50 -2.94
CA ALA B 106 28.45 -1.17 -4.35
C ALA B 106 27.50 -2.18 -5.01
N THR B 107 27.53 -3.44 -4.63
CA THR B 107 26.70 -4.41 -5.32
C THR B 107 25.66 -5.08 -4.46
N ARG B 108 25.67 -4.89 -3.13
CA ARG B 108 24.88 -5.78 -2.27
C ARG B 108 24.22 -4.98 -1.17
N VAL B 109 23.09 -5.50 -0.70
CA VAL B 109 22.38 -5.00 0.48
C VAL B 109 22.46 -6.10 1.51
N TYR B 110 22.68 -5.74 2.78
CA TYR B 110 22.90 -6.69 3.86
C TYR B 110 21.91 -6.43 4.97
N LEU B 111 21.16 -7.45 5.38
CA LEU B 111 20.23 -7.35 6.48
C LEU B 111 20.79 -8.12 7.66
N ILE B 112 20.89 -7.47 8.81
CA ILE B 112 21.46 -8.09 10.01
C ILE B 112 20.29 -8.56 10.86
N LEU B 113 20.11 -9.88 10.92
CA LEU B 113 18.91 -10.47 11.49
C LEU B 113 19.20 -11.32 12.71
N GLU B 114 18.22 -11.43 13.61
CA GLU B 114 18.26 -12.43 14.64
C GLU B 114 18.35 -13.83 14.03
N TYR B 115 19.24 -14.64 14.61
CA TYR B 115 19.33 -16.04 14.23
C TYR B 115 18.31 -16.87 15.03
N ALA B 116 17.41 -17.52 14.30
CA ALA B 116 16.46 -18.42 14.93
C ALA B 116 16.91 -19.84 14.64
N PRO B 117 17.40 -20.58 15.63
CA PRO B 117 18.19 -21.78 15.32
C PRO B 117 17.35 -23.03 15.08
N LEU B 118 16.06 -23.04 15.38
CA LEU B 118 15.35 -24.32 15.36
C LEU B 118 14.36 -24.41 14.21
N GLY B 119 14.63 -23.68 13.12
CA GLY B 119 13.90 -23.88 11.88
C GLY B 119 12.52 -23.26 11.91
N THR B 120 11.64 -23.77 11.03
CA THR B 120 10.32 -23.19 10.84
C THR B 120 9.24 -24.06 11.48
N VAL B 121 8.12 -23.41 11.78
CA VAL B 121 6.95 -24.17 12.16
C VAL B 121 6.47 -25.06 11.02
N TYR B 122 6.67 -24.64 9.78
CA TYR B 122 6.32 -25.49 8.66
C TYR B 122 7.02 -26.84 8.75
N ARG B 123 8.32 -26.82 9.02
CA ARG B 123 9.06 -28.07 9.22
C ARG B 123 8.54 -28.84 10.41
N GLU B 124 8.30 -28.15 11.54
CA GLU B 124 7.80 -28.86 12.71
C GLU B 124 6.49 -29.57 12.42
N LEU B 125 5.62 -28.94 11.63
CA LEU B 125 4.36 -29.60 11.28
C LEU B 125 4.57 -30.79 10.36
N GLN B 126 5.52 -30.67 9.41
CA GLN B 126 5.86 -31.80 8.56
C GLN B 126 6.30 -32.96 9.43
N LYS B 127 7.09 -32.68 10.47
CA LYS B 127 7.65 -33.79 11.25
C LYS B 127 6.60 -34.43 12.14
N LEU B 128 5.75 -33.63 12.79
CA LEU B 128 4.81 -34.16 13.77
C LEU B 128 3.40 -34.41 13.20
N SER B 129 3.12 -33.93 11.98
CA SER B 129 1.82 -34.02 11.27
C SER B 129 0.78 -33.09 11.85
N LYS B 130 0.59 -33.13 13.17
CA LYS B 130 -0.27 -32.14 13.81
C LYS B 130 0.22 -31.93 15.22
N PHE B 131 -0.24 -30.82 15.79
CA PHE B 131 0.15 -30.45 17.16
C PHE B 131 -0.96 -30.75 18.13
N ASP B 132 -0.58 -31.03 19.38
CA ASP B 132 -1.63 -31.18 20.39
C ASP B 132 -2.19 -29.80 20.80
N GLU B 133 -3.23 -29.83 21.62
CA GLU B 133 -3.88 -28.54 21.95
C GLU B 133 -3.00 -27.65 22.81
N GLN B 134 -2.11 -28.21 23.61
CA GLN B 134 -1.24 -27.36 24.42
C GLN B 134 -0.26 -26.60 23.54
N ARG B 135 0.41 -27.29 22.61
CA ARG B 135 1.34 -26.61 21.73
C ARG B 135 0.60 -25.59 20.87
N THR B 136 -0.59 -25.97 20.37
CA THR B 136 -1.34 -25.05 19.54
C THR B 136 -1.71 -23.79 20.29
N ALA B 137 -2.28 -23.95 21.50
CA ALA B 137 -2.71 -22.78 22.25
C ALA B 137 -1.54 -21.90 22.64
N THR B 138 -0.39 -22.51 22.94
CA THR B 138 0.80 -21.73 23.27
C THR B 138 1.24 -20.92 22.08
N TYR B 139 1.31 -21.57 20.91
CA TYR B 139 1.74 -20.83 19.71
C TYR B 139 0.75 -19.72 19.36
N ILE B 140 -0.56 -19.98 19.51
CA ILE B 140 -1.51 -18.92 19.19
C ILE B 140 -1.38 -17.79 20.17
N THR B 141 -1.07 -18.10 21.44
CA THR B 141 -0.80 -17.03 22.41
C THR B 141 0.38 -16.18 21.96
N GLU B 142 1.49 -16.84 21.59
CA GLU B 142 2.68 -16.10 21.16
C GLU B 142 2.38 -15.24 19.95
N LEU B 143 1.70 -15.81 18.96
CA LEU B 143 1.35 -15.04 17.77
C LEU B 143 0.43 -13.89 18.11
N ALA B 144 -0.59 -14.09 18.96
CA ALA B 144 -1.48 -12.99 19.26
C ALA B 144 -0.76 -11.90 20.02
N ASN B 145 0.19 -12.26 20.92
CA ASN B 145 0.99 -11.22 21.60
C ASN B 145 1.82 -10.42 20.59
N ALA B 146 2.45 -11.13 19.66
CA ALA B 146 3.28 -10.46 18.65
C ALA B 146 2.42 -9.55 17.78
N LEU B 147 1.26 -10.05 17.40
CA LEU B 147 0.40 -9.26 16.54
C LEU B 147 -0.22 -8.09 17.30
N SER B 148 -0.49 -8.23 18.59
CA SER B 148 -0.97 -7.11 19.39
C SER B 148 0.06 -6.00 19.44
N TYR B 149 1.31 -6.39 19.60
CA TYR B 149 2.40 -5.43 19.55
C TYR B 149 2.47 -4.76 18.17
N CYS B 150 2.41 -5.53 17.08
CA CYS B 150 2.39 -4.93 15.73
C CYS B 150 1.28 -3.92 15.63
N HIS B 151 0.07 -4.32 16.01
CA HIS B 151 -1.06 -3.46 15.79
C HIS B 151 -0.95 -2.20 16.64
N SER B 152 -0.26 -2.25 17.79
CA SER B 152 -0.02 -1.02 18.56
C SER B 152 0.93 -0.06 17.85
N LYS B 153 1.76 -0.55 16.94
CA LYS B 153 2.62 0.24 16.07
C LYS B 153 1.95 0.54 14.73
N ARG B 154 0.64 0.26 14.61
CA ARG B 154 -0.12 0.34 13.37
C ARG B 154 0.51 -0.48 12.24
N VAL B 155 1.11 -1.63 12.53
CA VAL B 155 1.69 -2.49 11.50
C VAL B 155 0.79 -3.71 11.36
N ILE B 156 0.41 -4.02 10.12
CA ILE B 156 -0.35 -5.23 9.78
C ILE B 156 0.61 -6.13 9.02
N HIS B 157 0.72 -7.40 9.41
CA HIS B 157 1.72 -8.25 8.79
C HIS B 157 1.27 -8.73 7.41
N ARG B 158 0.08 -9.31 7.32
CA ARG B 158 -0.63 -9.71 6.10
C ARG B 158 -0.08 -10.96 5.42
N ASP B 159 0.96 -11.60 5.95
CA ASP B 159 1.43 -12.84 5.31
C ASP B 159 1.76 -13.89 6.35
N ILE B 160 0.90 -14.05 7.36
CA ILE B 160 1.15 -15.03 8.43
C ILE B 160 0.84 -16.44 7.92
N LYS B 161 1.84 -17.34 7.96
CA LYS B 161 1.69 -18.74 7.55
C LYS B 161 2.87 -19.51 8.12
N PRO B 162 2.82 -20.85 8.13
CA PRO B 162 3.82 -21.58 8.91
C PRO B 162 5.25 -21.41 8.43
N GLU B 163 5.46 -21.18 7.12
CA GLU B 163 6.85 -21.02 6.70
C GLU B 163 7.42 -19.67 7.13
N ASN B 164 6.58 -18.72 7.56
CA ASN B 164 7.04 -17.43 8.07
C ASN B 164 7.13 -17.40 9.57
N LEU B 165 7.04 -18.54 10.22
CA LEU B 165 7.17 -18.62 11.68
C LEU B 165 8.42 -19.40 11.99
N LEU B 166 9.42 -18.73 12.53
CA LEU B 166 10.67 -19.39 12.87
C LEU B 166 10.67 -19.74 14.35
N LEU B 167 11.58 -20.64 14.74
CA LEU B 167 11.65 -21.06 16.13
C LEU B 167 12.99 -20.67 16.78
N GLY B 168 12.91 -19.98 17.92
CA GLY B 168 14.08 -19.68 18.74
C GLY B 168 14.56 -20.91 19.51
N SER B 169 15.68 -20.72 20.22
CA SER B 169 16.34 -21.90 20.80
C SER B 169 15.57 -22.49 21.98
N ALA B 170 14.63 -21.76 22.57
CA ALA B 170 13.72 -22.32 23.57
C ALA B 170 12.40 -22.71 22.95
N GLY B 171 12.33 -22.77 21.63
CA GLY B 171 11.09 -23.10 20.96
C GLY B 171 10.10 -21.95 20.85
N GLU B 172 10.53 -20.72 21.11
CA GLU B 172 9.58 -19.62 21.04
C GLU B 172 9.37 -19.23 19.58
N LEU B 173 8.13 -18.88 19.23
CA LEU B 173 7.81 -18.46 17.88
C LEU B 173 8.40 -17.09 17.56
N LYS B 174 8.88 -16.94 16.33
CA LYS B 174 9.41 -15.65 15.83
C LYS B 174 8.72 -15.35 14.50
N ILE B 175 7.89 -14.32 14.45
CA ILE B 175 7.28 -13.95 13.19
C ILE B 175 8.34 -13.33 12.28
N ALA B 176 8.38 -13.80 11.03
CA ALA B 176 9.36 -13.31 10.08
C ALA B 176 8.60 -12.85 8.85
N ASP B 177 9.34 -12.35 7.88
CA ASP B 177 8.85 -11.98 6.55
C ASP B 177 7.84 -10.85 6.56
N PHE B 178 8.36 -9.62 6.66
CA PHE B 178 7.54 -8.43 6.60
C PHE B 178 7.43 -7.83 5.20
N GLY B 179 7.65 -8.68 4.16
CA GLY B 179 7.64 -8.18 2.79
C GLY B 179 6.27 -7.74 2.29
N TRP B 180 5.19 -8.15 2.96
CA TRP B 180 3.85 -7.74 2.58
C TRP B 180 3.17 -6.86 3.61
N SER B 181 3.89 -6.46 4.65
CA SER B 181 3.31 -5.67 5.73
C SER B 181 3.09 -4.22 5.31
N VAL B 182 2.15 -3.58 6.00
CA VAL B 182 1.84 -2.18 5.76
C VAL B 182 1.69 -1.48 7.09
N HIS B 183 1.90 -0.17 7.04
CA HIS B 183 1.71 0.70 8.20
C HIS B 183 0.31 1.29 8.09
N ALA B 184 -0.65 0.71 8.82
CA ALA B 184 -2.09 1.05 8.87
C ALA B 184 -2.35 2.50 9.26
N PRO B 185 -3.62 2.99 9.19
CA PRO B 185 -3.82 4.37 9.61
C PRO B 185 -3.65 4.57 11.11
N THR B 190 -7.88 12.88 6.94
CA THR B 190 -7.15 13.14 5.69
C THR B 190 -8.05 13.80 4.64
N LEU B 192 -8.32 12.49 1.75
CA LEU B 192 -8.91 11.39 1.02
C LEU B 192 -10.34 11.12 1.47
N CYS B 193 -10.55 11.07 2.79
CA CYS B 193 -11.85 10.69 3.38
C CYS B 193 -12.70 11.88 3.75
N GLY B 194 -12.14 13.08 3.64
CA GLY B 194 -12.91 14.27 3.93
C GLY B 194 -14.08 14.29 2.97
N THR B 195 -13.82 13.81 1.75
CA THR B 195 -14.83 13.76 0.70
C THR B 195 -15.10 12.29 0.34
N LEU B 196 -16.14 11.67 0.94
CA LEU B 196 -16.44 10.30 0.49
C LEU B 196 -17.14 10.28 -0.87
N ASP B 197 -17.63 11.42 -1.35
CA ASP B 197 -18.46 11.44 -2.55
C ASP B 197 -17.80 10.79 -3.76
N TYR B 198 -16.46 10.83 -3.91
CA TYR B 198 -15.84 10.30 -5.12
C TYR B 198 -15.14 8.94 -4.91
N LEU B 199 -15.28 8.37 -3.74
CA LEU B 199 -14.58 7.13 -3.49
C LEU B 199 -15.44 5.89 -3.78
N PRO B 200 -14.88 4.85 -4.41
CA PRO B 200 -15.63 3.62 -4.57
C PRO B 200 -15.74 2.87 -3.25
N PRO B 201 -16.66 1.94 -3.15
CA PRO B 201 -16.88 1.23 -1.90
C PRO B 201 -15.59 0.66 -1.37
N GLU B 202 -14.73 0.13 -2.25
CA GLU B 202 -13.57 -0.57 -1.73
C GLU B 202 -12.53 0.40 -1.14
N MET B 203 -12.51 1.67 -1.58
CA MET B 203 -11.61 2.63 -0.96
C MET B 203 -12.12 3.12 0.39
N ILE B 204 -13.44 3.22 0.53
CA ILE B 204 -13.98 3.63 1.82
C ILE B 204 -13.79 2.52 2.85
N GLU B 205 -14.01 1.26 2.45
CA GLU B 205 -13.83 0.16 3.41
C GLU B 205 -12.38 -0.12 3.73
N GLY B 206 -11.48 -0.02 2.76
CA GLY B 206 -10.06 -0.22 3.03
C GLY B 206 -9.71 -1.53 3.70
N ARG B 207 -10.30 -2.62 3.22
CA ARG B 207 -10.14 -3.87 3.97
C ARG B 207 -8.72 -4.42 3.95
N MET B 208 -7.96 -4.22 2.87
CA MET B 208 -6.56 -4.72 2.89
C MET B 208 -5.68 -3.97 3.86
N HIS B 209 -6.15 -2.83 4.38
CA HIS B 209 -5.39 -2.04 5.35
C HIS B 209 -6.02 -2.10 6.71
N ASP B 210 -6.80 -3.14 6.98
CA ASP B 210 -7.46 -3.30 8.26
C ASP B 210 -6.68 -4.33 9.08
N GLU B 211 -6.42 -4.04 10.36
CA GLU B 211 -5.70 -5.00 11.21
C GLU B 211 -6.42 -6.33 11.31
N LYS B 212 -7.72 -6.36 11.06
CA LYS B 212 -8.42 -7.63 11.10
C LYS B 212 -7.94 -8.61 10.05
N VAL B 213 -7.16 -8.20 9.03
CA VAL B 213 -6.56 -9.17 8.11
C VAL B 213 -5.87 -10.27 8.90
N ASP B 214 -5.07 -9.88 9.90
CA ASP B 214 -4.22 -10.88 10.53
C ASP B 214 -5.02 -11.81 11.45
N LEU B 215 -6.23 -11.42 11.82
CA LEU B 215 -7.04 -12.28 12.68
C LEU B 215 -7.51 -13.51 11.90
N TRP B 216 -7.87 -13.32 10.64
CA TRP B 216 -8.23 -14.48 9.80
C TRP B 216 -7.09 -15.49 9.73
N SER B 217 -5.86 -15.01 9.49
CA SER B 217 -4.73 -15.92 9.38
C SER B 217 -4.52 -16.69 10.67
N LEU B 218 -4.75 -16.06 11.83
CA LEU B 218 -4.65 -16.75 13.11
C LEU B 218 -5.64 -17.92 13.18
N GLY B 219 -6.86 -17.75 12.68
CA GLY B 219 -7.80 -18.84 12.65
C GLY B 219 -7.37 -19.98 11.71
N VAL B 220 -6.85 -19.63 10.53
CA VAL B 220 -6.34 -20.66 9.63
C VAL B 220 -5.23 -21.46 10.29
N LEU B 221 -4.29 -20.75 10.94
CA LEU B 221 -3.20 -21.41 11.65
C LEU B 221 -3.69 -22.28 12.76
N CYS B 222 -4.65 -21.81 13.56
CA CYS B 222 -5.11 -22.63 14.67
C CYS B 222 -5.66 -23.95 14.14
N TYR B 223 -6.45 -23.86 13.06
CA TYR B 223 -6.95 -25.08 12.41
C TYR B 223 -5.83 -25.96 11.87
N GLU B 224 -4.89 -25.39 11.12
CA GLU B 224 -3.81 -26.20 10.56
C GLU B 224 -3.00 -26.87 11.65
N PHE B 225 -2.67 -26.13 12.71
CA PHE B 225 -1.94 -26.73 13.83
C PHE B 225 -2.66 -27.97 14.36
N LEU B 226 -4.00 -27.90 14.54
CA LEU B 226 -4.69 -29.05 15.15
C LEU B 226 -4.96 -30.17 14.17
N VAL B 227 -5.19 -29.87 12.90
CA VAL B 227 -5.66 -30.87 11.93
C VAL B 227 -4.53 -31.36 11.05
N GLY B 228 -3.54 -30.52 10.78
CA GLY B 228 -2.41 -30.86 9.93
C GLY B 228 -2.58 -30.47 8.48
N LYS B 229 -3.71 -29.84 8.10
CA LYS B 229 -3.92 -29.24 6.79
C LYS B 229 -4.78 -28.02 7.00
N PRO B 230 -4.68 -27.01 6.16
CA PRO B 230 -5.47 -25.83 6.38
C PRO B 230 -6.90 -26.03 5.90
N PRO B 231 -7.85 -25.22 6.40
CA PRO B 231 -9.26 -25.60 6.28
C PRO B 231 -9.83 -25.47 4.89
N PHE B 232 -9.23 -24.65 4.00
CA PHE B 232 -9.75 -24.42 2.65
C PHE B 232 -8.91 -25.12 1.59
N GLU B 233 -8.11 -26.11 2.01
CA GLU B 233 -7.21 -26.77 1.07
C GLU B 233 -7.97 -27.44 -0.04
N ALA B 234 -7.47 -27.26 -1.27
CA ALA B 234 -8.07 -27.94 -2.42
C ALA B 234 -6.96 -28.09 -3.43
N ASN B 235 -7.19 -28.96 -4.40
CA ASN B 235 -6.09 -29.24 -5.33
C ASN B 235 -6.07 -28.28 -6.52
N THR B 236 -6.94 -27.27 -6.56
CA THR B 236 -6.88 -26.16 -7.51
C THR B 236 -7.07 -24.83 -6.79
N TYR B 237 -6.45 -23.77 -7.32
CA TYR B 237 -6.61 -22.43 -6.77
C TYR B 237 -8.07 -22.00 -6.78
N GLN B 238 -8.78 -22.30 -7.87
CA GLN B 238 -10.16 -21.84 -7.99
C GLN B 238 -11.06 -22.45 -6.93
N GLU B 239 -10.88 -23.73 -6.65
CA GLU B 239 -11.68 -24.31 -5.58
C GLU B 239 -11.28 -23.75 -4.21
N THR B 240 -10.00 -23.50 -3.96
CA THR B 240 -9.65 -22.90 -2.67
C THR B 240 -10.26 -21.50 -2.54
N TYR B 241 -10.19 -20.70 -3.60
CA TYR B 241 -10.76 -19.34 -3.51
C TYR B 241 -12.26 -19.40 -3.29
N LYS B 242 -12.92 -20.33 -3.96
CA LYS B 242 -14.37 -20.52 -3.79
C LYS B 242 -14.71 -20.84 -2.34
N ARG B 243 -13.97 -21.78 -1.73
CA ARG B 243 -14.28 -22.17 -0.37
C ARG B 243 -13.99 -21.04 0.61
N ILE B 244 -12.93 -20.27 0.37
CA ILE B 244 -12.66 -19.09 1.21
C ILE B 244 -13.80 -18.08 1.11
N SER B 245 -14.31 -17.85 -0.11
CA SER B 245 -15.34 -16.85 -0.32
C SER B 245 -16.62 -17.22 0.39
N ARG B 246 -16.97 -18.52 0.41
CA ARG B 246 -18.16 -19.02 1.09
C ARG B 246 -17.91 -19.31 2.56
N VAL B 247 -16.64 -19.20 3.01
CA VAL B 247 -16.17 -19.67 4.31
C VAL B 247 -16.74 -21.07 4.54
N GLU B 248 -16.43 -21.95 3.59
CA GLU B 248 -16.91 -23.33 3.56
C GLU B 248 -15.77 -24.21 4.05
N PHE B 249 -15.95 -24.81 5.22
CA PHE B 249 -14.94 -25.76 5.74
C PHE B 249 -15.63 -26.63 6.77
N THR B 250 -14.96 -27.71 7.14
CA THR B 250 -15.52 -28.68 8.09
C THR B 250 -14.44 -29.02 9.09
N PHE B 251 -14.86 -29.47 10.23
CA PHE B 251 -13.94 -29.95 11.29
C PHE B 251 -13.91 -31.47 11.34
N PRO B 252 -12.73 -32.09 11.44
CA PRO B 252 -12.65 -33.49 11.85
C PRO B 252 -13.27 -33.69 13.22
N ASP B 253 -13.76 -34.92 13.45
CA ASP B 253 -14.38 -35.24 14.72
C ASP B 253 -13.47 -34.96 15.91
N PHE B 254 -12.16 -35.12 15.75
CA PHE B 254 -11.29 -34.97 16.93
C PHE B 254 -11.07 -33.52 17.37
N VAL B 255 -11.42 -32.51 16.56
CA VAL B 255 -11.22 -31.13 17.00
C VAL B 255 -12.28 -30.83 18.04
N THR B 256 -11.83 -30.34 19.20
CA THR B 256 -12.71 -30.23 20.34
C THR B 256 -13.57 -29.01 20.20
N GLU B 257 -14.64 -28.99 21.00
CA GLU B 257 -15.63 -27.93 20.84
C GLU B 257 -15.04 -26.56 21.15
N GLY B 258 -14.14 -26.49 22.16
CA GLY B 258 -13.52 -25.20 22.50
C GLY B 258 -12.66 -24.66 21.36
N ALA B 259 -11.95 -25.56 20.68
CA ALA B 259 -11.13 -25.17 19.55
C ALA B 259 -12.01 -24.71 18.40
N ARG B 260 -13.11 -25.43 18.15
CA ARG B 260 -14.04 -25.04 17.09
C ARG B 260 -14.59 -23.65 17.35
N ASP B 261 -14.91 -23.36 18.61
CA ASP B 261 -15.47 -22.05 18.92
C ASP B 261 -14.50 -20.96 18.54
N LEU B 262 -13.23 -21.11 18.95
CA LEU B 262 -12.26 -20.06 18.61
C LEU B 262 -12.08 -19.96 17.10
N ILE B 263 -11.85 -21.09 16.42
CA ILE B 263 -11.57 -21.05 14.99
C ILE B 263 -12.73 -20.43 14.23
N SER B 264 -13.96 -20.80 14.58
CA SER B 264 -15.14 -20.27 13.89
C SER B 264 -15.29 -18.78 14.12
N ARG B 265 -14.92 -18.30 15.30
CA ARG B 265 -14.97 -16.87 15.58
C ARG B 265 -14.00 -16.10 14.70
N LEU B 266 -12.83 -16.69 14.41
CA LEU B 266 -11.80 -16.00 13.66
C LEU B 266 -12.09 -16.01 12.18
N LEU B 267 -12.68 -17.09 11.65
CA LEU B 267 -12.85 -17.24 10.18
C LEU B 267 -14.19 -16.63 9.75
N LYS B 268 -14.27 -15.29 9.80
CA LYS B 268 -15.47 -14.56 9.38
C LYS B 268 -15.14 -13.77 8.11
N HIS B 269 -16.02 -13.87 7.11
CA HIS B 269 -15.76 -13.15 5.86
C HIS B 269 -15.71 -11.65 6.09
N ASN B 270 -16.65 -11.11 6.86
CA ASN B 270 -16.75 -9.68 7.21
C ASN B 270 -15.68 -9.41 8.28
N PRO B 271 -14.62 -8.67 7.96
CA PRO B 271 -13.52 -8.52 8.94
C PRO B 271 -13.95 -7.89 10.25
N SER B 272 -14.99 -7.04 10.23
CA SER B 272 -15.43 -6.44 11.49
C SER B 272 -16.07 -7.44 12.42
N GLN B 273 -16.50 -8.60 11.91
CA GLN B 273 -17.03 -9.61 12.82
C GLN B 273 -15.95 -10.43 13.50
N ARG B 274 -14.68 -10.33 13.06
CA ARG B 274 -13.65 -11.12 13.68
C ARG B 274 -13.32 -10.51 15.04
N PRO B 275 -12.84 -11.31 15.98
CA PRO B 275 -12.60 -10.79 17.33
C PRO B 275 -11.38 -9.88 17.36
N MET B 276 -11.24 -9.11 18.45
CA MET B 276 -9.97 -8.45 18.78
C MET B 276 -8.95 -9.46 19.32
N LEU B 277 -7.66 -9.14 19.16
CA LEU B 277 -6.65 -10.08 19.64
C LEU B 277 -6.78 -10.31 21.14
N ARG B 278 -7.25 -9.30 21.92
CA ARG B 278 -7.42 -9.53 23.34
C ARG B 278 -8.43 -10.65 23.60
N GLU B 279 -9.46 -10.75 22.74
CA GLU B 279 -10.45 -11.81 22.92
C GLU B 279 -9.88 -13.19 22.61
N VAL B 280 -8.91 -13.26 21.69
CA VAL B 280 -8.23 -14.53 21.46
C VAL B 280 -7.39 -14.91 22.70
N LEU B 281 -6.59 -13.95 23.20
CA LEU B 281 -5.73 -14.21 24.37
C LEU B 281 -6.53 -14.63 25.58
N GLU B 282 -7.76 -14.13 25.69
CA GLU B 282 -8.64 -14.41 26.84
C GLU B 282 -9.63 -15.51 26.59
N HIS B 283 -9.58 -16.17 25.43
CA HIS B 283 -10.55 -17.22 25.15
C HIS B 283 -10.32 -18.37 26.11
N PRO B 284 -11.37 -18.98 26.67
CA PRO B 284 -11.13 -20.05 27.65
C PRO B 284 -10.46 -21.29 27.11
N TRP B 285 -10.52 -21.57 25.81
CA TRP B 285 -9.78 -22.73 25.31
C TRP B 285 -8.31 -22.42 25.29
N ILE B 286 -7.97 -21.19 24.96
CA ILE B 286 -6.55 -20.79 24.98
C ILE B 286 -5.99 -20.85 26.39
N THR B 287 -6.70 -20.26 27.39
CA THR B 287 -6.13 -20.26 28.73
C THR B 287 -6.19 -21.63 29.40
N ALA B 288 -7.10 -22.51 28.96
CA ALA B 288 -7.13 -23.86 29.50
C ALA B 288 -5.94 -24.68 29.04
N ASN B 289 -5.37 -24.35 27.87
CA ASN B 289 -4.36 -25.21 27.25
C ASN B 289 -2.96 -24.62 27.12
N SER B 290 -2.80 -23.31 27.16
CA SER B 290 -1.50 -22.68 26.88
C SER B 290 -0.52 -22.95 28.00
N SER B 291 0.76 -23.10 27.65
CA SER B 291 1.84 -23.01 28.61
C SER B 291 2.08 -21.57 29.00
N LYS B 292 1.54 -20.65 28.21
CA LYS B 292 1.80 -19.21 28.18
C LYS B 292 0.56 -18.47 28.64
#